data_8VPO
#
_entry.id   8VPO
#
_cell.length_a   69.172
_cell.length_b   74.348
_cell.length_c   91.765
_cell.angle_alpha   90.00
_cell.angle_beta   90.00
_cell.angle_gamma   90.00
#
_symmetry.space_group_name_H-M   'P 21 21 21'
#
loop_
_entity.id
_entity.type
_entity.pdbx_description
1 polymer 'Radical SAM core domain-containing protein'
2 non-polymer 'IRON/SULFUR CLUSTER'
3 non-polymer GLYCEROL
4 water water
#
_entity_poly.entity_id   1
_entity_poly.type   'polypeptide(L)'
_entity_poly.pdbx_seq_one_letter_code
;MLNSRELLLSKYVNTIKKDDNSFRLFHSIHGGLCEVDNEIYKVLNYLKKSRLLTDIYNEFSYIDNSEINDIVNEFFEKGF
IIYNGQNEIESYREHEKRRINRIETGEQIKAIQLVVSNKCNYNCKYCFTNSIYSSKEREIYQKHDKNQIMTPENAINYIE
KVIEKIIKANNKELSIQFFGGEPLTNWNTIERVLDHYKNEDRLKIDYSIVTNGALITPKISEYLKKYNVPVIMSFDSPNR
SHRYTNDGSDSIKNTIKSLEILKENNNYIAFNSVLSRDTFDYFNNDIVDFAQNYNVSEIGILLDLNPSFYKDFNLDDIVN
KVIDLYEYGLDNGIIVTGYWHITYQNIIMNKSIDRGYKTCSATGGQLSIEPMGVVFACKGSSGYFGNMNDLEGLLSCENY
IKYASRSFINSNNCINCELIGHCSGLCLGAIEKKYGNIMYMDKGACDLYKLLIRRLIEREKNIFRYDIDESK
;
_entity_poly.pdbx_strand_id   A
#
# COMPACT_ATOMS: atom_id res chain seq x y z
N ASN A 3 1.20 18.71 27.39
CA ASN A 3 1.97 17.99 28.41
C ASN A 3 1.33 18.26 29.76
N SER A 4 0.04 18.49 29.78
CA SER A 4 -0.59 18.81 31.05
C SER A 4 -0.80 17.57 31.93
N ARG A 5 -1.74 17.64 32.85
CA ARG A 5 -2.12 16.49 33.63
C ARG A 5 -3.51 16.00 33.30
N GLU A 6 -4.34 16.81 32.66
CA GLU A 6 -5.66 16.28 32.34
C GLU A 6 -5.52 15.37 31.10
N LEU A 7 -6.15 14.19 31.16
CA LEU A 7 -6.07 13.18 30.11
C LEU A 7 -7.40 13.03 29.40
N LEU A 8 -7.35 12.57 28.16
CA LEU A 8 -8.54 12.54 27.33
C LEU A 8 -8.48 11.32 26.41
N LEU A 9 -9.59 10.61 26.26
CA LEU A 9 -9.73 9.61 25.21
C LEU A 9 -9.74 10.31 23.84
N SER A 10 -8.82 9.89 22.97
CA SER A 10 -8.76 10.50 21.63
C SER A 10 -10.06 10.25 20.89
N LYS A 11 -10.61 11.32 20.24
CA LYS A 11 -11.78 11.16 19.38
C LYS A 11 -11.53 10.25 18.19
N TYR A 12 -10.26 9.91 17.91
CA TYR A 12 -9.91 9.05 16.80
C TYR A 12 -9.92 7.58 17.17
N VAL A 13 -10.27 7.24 18.40
CA VAL A 13 -10.36 5.84 18.81
C VAL A 13 -11.72 5.33 18.37
N ASN A 14 -11.73 4.30 17.51
CA ASN A 14 -12.93 3.70 17.00
C ASN A 14 -13.21 2.38 17.70
N THR A 15 -14.51 2.07 17.89
CA THR A 15 -14.92 0.85 18.62
C THR A 15 -15.76 -0.01 17.69
N ILE A 16 -15.43 -1.30 17.62
CA ILE A 16 -16.19 -2.38 16.96
C ILE A 16 -16.48 -3.38 18.08
N LYS A 17 -17.74 -3.45 18.53
CA LYS A 17 -18.07 -4.29 19.66
C LYS A 17 -18.27 -5.71 19.16
N LYS A 18 -17.48 -6.65 19.69
CA LYS A 18 -17.65 -8.06 19.36
C LYS A 18 -18.65 -8.73 20.32
N ASP A 19 -18.57 -8.46 21.62
CA ASP A 19 -19.59 -8.91 22.59
C ASP A 19 -19.47 -8.03 23.82
N ASP A 20 -20.23 -8.37 24.87
CA ASP A 20 -20.28 -7.45 26.01
C ASP A 20 -19.00 -7.46 26.81
N ASN A 21 -18.10 -8.41 26.54
CA ASN A 21 -16.81 -8.35 27.17
C ASN A 21 -15.67 -8.23 26.15
N SER A 22 -15.97 -7.76 24.92
CA SER A 22 -14.94 -7.72 23.86
C SER A 22 -15.17 -6.50 22.95
N PHE A 23 -14.27 -5.53 23.04
CA PHE A 23 -14.36 -4.31 22.24
C PHE A 23 -13.08 -4.15 21.44
N ARG A 24 -13.19 -4.12 20.11
CA ARG A 24 -12.00 -3.99 19.32
C ARG A 24 -11.80 -2.52 18.96
N LEU A 25 -10.59 -2.03 19.18
CA LEU A 25 -10.33 -0.61 19.14
C LEU A 25 -9.20 -0.35 18.19
N PHE A 26 -9.31 0.73 17.40
CA PHE A 26 -8.15 1.20 16.66
C PHE A 26 -8.27 2.72 16.49
N HIS A 27 -7.12 3.31 16.23
CA HIS A 27 -7.02 4.77 16.07
C HIS A 27 -7.00 5.14 14.60
N SER A 28 -7.83 6.12 14.21
CA SER A 28 -7.95 6.42 12.78
C SER A 28 -6.65 6.90 12.16
N ILE A 29 -5.78 7.55 12.94
CA ILE A 29 -4.48 7.95 12.45
C ILE A 29 -3.46 6.86 12.65
N HIS A 30 -3.34 6.36 13.90
CA HIS A 30 -2.16 5.58 14.27
C HIS A 30 -2.33 4.10 14.02
N GLY A 31 -3.54 3.57 14.15
CA GLY A 31 -3.76 2.13 14.10
C GLY A 31 -3.85 1.55 15.50
N GLY A 32 -2.90 0.68 15.82
CA GLY A 32 -2.90 0.10 17.16
C GLY A 32 -3.99 -0.91 17.45
N LEU A 33 -4.54 -1.61 16.43
CA LEU A 33 -5.69 -2.48 16.65
C LEU A 33 -5.47 -3.46 17.83
N CYS A 34 -6.48 -3.55 18.70
CA CYS A 34 -6.42 -4.50 19.80
C CYS A 34 -7.83 -4.76 20.25
N GLU A 35 -7.97 -5.63 21.23
CA GLU A 35 -9.26 -5.94 21.83
C GLU A 35 -9.13 -5.68 23.32
N VAL A 36 -10.19 -5.08 23.92
CA VAL A 36 -10.20 -4.88 25.36
C VAL A 36 -11.46 -5.48 25.98
N ASP A 37 -11.36 -5.90 27.25
CA ASP A 37 -12.53 -6.40 27.95
C ASP A 37 -13.38 -5.22 28.47
N ASN A 38 -14.51 -5.54 29.12
CA ASN A 38 -15.47 -4.50 29.50
C ASN A 38 -14.87 -3.53 30.51
N GLU A 39 -14.09 -4.00 31.48
CA GLU A 39 -13.58 -3.10 32.51
C GLU A 39 -12.62 -2.10 31.92
N ILE A 40 -11.75 -2.55 31.00
CA ILE A 40 -10.84 -1.59 30.40
C ILE A 40 -11.63 -0.60 29.52
N TYR A 41 -12.66 -1.10 28.83
CA TYR A 41 -13.46 -0.21 27.98
C TYR A 41 -14.14 0.86 28.85
N LYS A 42 -14.56 0.48 30.06
CA LYS A 42 -15.20 1.47 30.95
C LYS A 42 -14.19 2.54 31.37
N VAL A 43 -12.94 2.16 31.62
CA VAL A 43 -11.90 3.11 31.95
C VAL A 43 -11.65 4.06 30.78
N LEU A 44 -11.52 3.52 29.55
CA LEU A 44 -11.27 4.41 28.42
C LEU A 44 -12.43 5.39 28.24
N ASN A 45 -13.66 4.91 28.35
CA ASN A 45 -14.81 5.78 28.16
C ASN A 45 -14.99 6.79 29.28
N TYR A 46 -14.53 6.47 30.48
CA TYR A 46 -14.53 7.51 31.52
C TYR A 46 -13.68 8.71 31.08
N LEU A 47 -12.67 8.48 30.26
CA LEU A 47 -11.82 9.55 29.80
C LEU A 47 -12.42 10.34 28.60
N LYS A 48 -13.70 10.19 28.28
CA LYS A 48 -14.34 11.05 27.28
C LYS A 48 -14.40 12.50 27.74
N LYS A 49 -14.56 12.70 29.06
CA LYS A 49 -14.31 13.98 29.70
CA LYS A 49 -14.30 13.99 29.66
C LYS A 49 -12.87 13.99 30.20
N SER A 50 -12.20 15.10 30.04
CA SER A 50 -10.86 15.24 30.55
C SER A 50 -10.81 14.86 32.04
N ARG A 51 -9.87 13.98 32.42
CA ARG A 51 -9.72 13.55 33.82
C ARG A 51 -8.28 13.68 34.27
N LEU A 52 -8.10 14.02 35.56
CA LEU A 52 -6.79 13.76 36.15
C LEU A 52 -6.74 12.29 36.55
N LEU A 53 -5.53 11.77 36.54
CA LEU A 53 -5.30 10.38 36.90
C LEU A 53 -5.96 10.03 38.23
N THR A 54 -5.84 10.93 39.23
CA THR A 54 -6.39 10.61 40.55
C THR A 54 -7.91 10.51 40.51
N ASP A 55 -8.55 11.17 39.54
CA ASP A 55 -10.00 11.00 39.39
C ASP A 55 -10.34 9.62 38.87
N ILE A 56 -9.43 9.01 38.11
CA ILE A 56 -9.73 7.68 37.57
C ILE A 56 -9.65 6.66 38.69
N TYR A 57 -8.58 6.74 39.48
CA TYR A 57 -8.47 6.03 40.75
C TYR A 57 -9.77 6.00 41.52
N ASN A 58 -10.30 7.17 41.84
CA ASN A 58 -11.45 7.18 42.73
C ASN A 58 -12.69 6.67 42.02
N GLU A 59 -12.81 6.91 40.72
CA GLU A 59 -14.00 6.49 40.02
C GLU A 59 -14.12 4.97 40.04
N PHE A 60 -12.99 4.30 39.88
CA PHE A 60 -12.99 2.83 39.86
C PHE A 60 -12.57 2.31 41.24
N SER A 61 -11.28 2.30 41.56
CA SER A 61 -10.80 2.00 42.92
C SER A 61 -11.14 0.58 43.39
N TYR A 62 -12.26 -0.01 42.93
CA TYR A 62 -12.37 -1.47 43.03
C TYR A 62 -11.34 -2.16 42.17
N ILE A 63 -10.65 -1.40 41.31
CA ILE A 63 -9.43 -1.83 40.65
C ILE A 63 -8.28 -1.17 41.37
N ASP A 64 -7.22 -1.92 41.63
CA ASP A 64 -6.05 -1.33 42.27
C ASP A 64 -5.54 -0.17 41.44
N ASN A 65 -5.11 0.89 42.13
CA ASN A 65 -4.51 2.05 41.47
C ASN A 65 -3.43 1.61 40.50
N SER A 66 -2.64 0.60 40.87
CA SER A 66 -1.48 0.22 40.08
C SER A 66 -1.92 -0.41 38.75
N GLU A 67 -3.12 -1.00 38.74
CA GLU A 67 -3.66 -1.55 37.50
C GLU A 67 -4.24 -0.44 36.65
N ILE A 68 -4.96 0.50 37.28
CA ILE A 68 -5.42 1.67 36.54
C ILE A 68 -4.23 2.40 35.92
N ASN A 69 -3.15 2.60 36.67
CA ASN A 69 -1.95 3.25 36.12
C ASN A 69 -1.35 2.47 34.94
N ASP A 70 -1.39 1.13 35.00
CA ASP A 70 -0.89 0.32 33.89
C ASP A 70 -1.74 0.53 32.61
N ILE A 71 -3.05 0.51 32.77
CA ILE A 71 -3.95 0.67 31.64
C ILE A 71 -3.72 2.03 30.99
N VAL A 72 -3.71 3.08 31.82
CA VAL A 72 -3.58 4.44 31.29
C VAL A 72 -2.24 4.63 30.61
N ASN A 73 -1.17 4.11 31.22
CA ASN A 73 0.13 4.24 30.57
C ASN A 73 0.19 3.49 29.25
N GLU A 74 -0.41 2.30 29.17
CA GLU A 74 -0.31 1.53 27.93
C GLU A 74 -1.03 2.26 26.80
N PHE A 75 -2.21 2.78 27.10
CA PHE A 75 -3.00 3.42 26.03
C PHE A 75 -2.56 4.85 25.74
N PHE A 76 -1.88 5.52 26.70
CA PHE A 76 -1.16 6.76 26.36
C PHE A 76 -0.06 6.52 25.34
N GLU A 77 0.78 5.50 25.56
CA GLU A 77 1.84 5.22 24.62
C GLU A 77 1.30 4.80 23.27
N LYS A 78 0.11 4.17 23.24
CA LYS A 78 -0.50 3.82 21.96
C LYS A 78 -1.07 5.05 21.25
N GLY A 79 -1.10 6.21 21.92
CA GLY A 79 -1.78 7.36 21.36
C GLY A 79 -3.29 7.33 21.48
N PHE A 80 -3.85 6.37 22.19
CA PHE A 80 -5.30 6.33 22.36
C PHE A 80 -5.76 7.31 23.44
N ILE A 81 -4.95 7.50 24.48
CA ILE A 81 -5.19 8.55 25.47
C ILE A 81 -4.18 9.63 25.18
N ILE A 82 -4.62 10.89 25.29
CA ILE A 82 -3.82 12.04 24.95
C ILE A 82 -3.98 13.01 26.12
N TYR A 83 -3.14 14.04 26.13
CA TYR A 83 -3.38 15.18 27.00
C TYR A 83 -4.51 16.00 26.42
N ASN A 84 -5.46 16.40 27.28
CA ASN A 84 -6.53 17.31 26.89
C ASN A 84 -5.93 18.54 26.24
N GLY A 85 -6.49 18.94 25.10
CA GLY A 85 -5.96 20.08 24.38
C GLY A 85 -5.09 19.72 23.17
N GLN A 86 -4.60 18.47 23.09
CA GLN A 86 -3.76 18.10 21.97
C GLN A 86 -4.59 18.09 20.67
N ASN A 87 -4.03 18.62 19.59
CA ASN A 87 -4.71 18.60 18.30
C ASN A 87 -4.02 17.55 17.44
N GLU A 88 -4.62 16.36 17.40
CA GLU A 88 -3.94 15.24 16.77
C GLU A 88 -3.88 15.36 15.24
N ILE A 89 -4.93 15.91 14.61
CA ILE A 89 -4.86 16.01 13.15
C ILE A 89 -3.82 17.03 12.74
N GLU A 90 -3.62 18.12 13.54
CA GLU A 90 -2.55 19.05 13.21
C GLU A 90 -1.18 18.39 13.38
N SER A 91 -1.04 17.52 14.38
CA SER A 91 0.22 16.78 14.55
C SER A 91 0.49 15.86 13.37
N TYR A 92 -0.52 15.17 12.91
CA TYR A 92 -0.34 14.33 11.72
C TYR A 92 0.01 15.19 10.49
N ARG A 93 -0.72 16.30 10.29
CA ARG A 93 -0.46 17.13 9.14
C ARG A 93 0.96 17.70 9.18
N GLU A 94 1.55 17.87 10.36
CA GLU A 94 2.95 18.29 10.40
C GLU A 94 3.86 17.30 9.65
N HIS A 95 3.56 16.00 9.73
CA HIS A 95 4.34 15.03 8.92
C HIS A 95 4.26 15.36 7.43
N GLU A 96 3.06 15.65 6.95
CA GLU A 96 2.91 16.04 5.55
C GLU A 96 3.72 17.30 5.23
N LYS A 97 3.63 18.32 6.09
CA LYS A 97 4.28 19.59 5.80
C LYS A 97 5.80 19.47 5.84
N ARG A 98 6.31 18.63 6.75
CA ARG A 98 7.76 18.36 6.80
C ARG A 98 8.21 17.69 5.52
N ARG A 99 7.45 16.69 5.06
CA ARG A 99 7.82 16.00 3.83
C ARG A 99 7.78 16.93 2.62
N ILE A 100 6.75 17.79 2.50
CA ILE A 100 6.72 18.74 1.43
C ILE A 100 7.92 19.67 1.51
N ASN A 101 8.27 20.10 2.73
CA ASN A 101 9.33 21.10 2.84
C ASN A 101 10.68 20.54 2.40
N ARG A 102 10.87 19.21 2.49
CA ARG A 102 12.14 18.55 2.18
C ARG A 102 12.15 17.84 0.82
N ILE A 103 11.18 18.15 -0.04
CA ILE A 103 11.01 17.49 -1.32
C ILE A 103 12.25 17.66 -2.20
N GLU A 104 12.96 18.80 -2.09
CA GLU A 104 14.12 18.91 -2.97
C GLU A 104 15.27 17.99 -2.57
N THR A 105 15.26 17.41 -1.36
CA THR A 105 16.27 16.43 -0.99
C THR A 105 16.06 15.12 -1.75
N GLY A 106 14.83 14.84 -2.17
CA GLY A 106 14.60 13.54 -2.75
C GLY A 106 14.50 12.42 -1.73
N GLU A 107 14.61 12.71 -0.44
CA GLU A 107 14.56 11.61 0.51
C GLU A 107 13.22 10.86 0.50
N GLN A 108 12.18 11.48 -0.01
CA GLN A 108 10.89 10.80 -0.10
C GLN A 108 10.84 9.75 -1.20
N ILE A 109 11.79 9.76 -2.14
CA ILE A 109 11.75 8.81 -3.25
C ILE A 109 12.15 7.43 -2.74
N LYS A 110 11.19 6.52 -2.68
CA LYS A 110 11.48 5.20 -2.20
C LYS A 110 11.53 4.17 -3.30
N ALA A 111 11.03 4.49 -4.50
CA ALA A 111 10.81 3.45 -5.49
C ALA A 111 10.94 4.02 -6.89
N ILE A 112 11.56 3.23 -7.76
CA ILE A 112 11.51 3.42 -9.19
C ILE A 112 10.65 2.30 -9.83
N GLN A 113 9.66 2.70 -10.58
CA GLN A 113 8.94 1.79 -11.45
C GLN A 113 9.61 1.93 -12.80
N LEU A 114 10.38 0.92 -13.19
CA LEU A 114 11.27 1.03 -14.37
C LEU A 114 10.51 0.42 -15.54
N VAL A 115 9.91 1.25 -16.38
CA VAL A 115 9.06 0.78 -17.48
C VAL A 115 9.99 0.38 -18.64
N VAL A 116 10.46 -0.87 -18.63
CA VAL A 116 11.56 -1.21 -19.55
C VAL A 116 11.04 -1.45 -20.94
N SER A 117 9.74 -1.65 -21.09
CA SER A 117 9.16 -1.88 -22.41
C SER A 117 7.72 -1.45 -22.39
N ASN A 118 7.28 -0.75 -23.44
CA ASN A 118 5.84 -0.52 -23.61
C ASN A 118 5.19 -1.51 -24.59
N LYS A 119 5.93 -2.56 -24.99
CA LYS A 119 5.38 -3.60 -25.86
C LYS A 119 4.86 -4.76 -25.01
N CYS A 120 3.84 -5.42 -25.51
CA CYS A 120 3.39 -6.67 -24.87
C CYS A 120 3.73 -7.83 -25.77
N ASN A 121 3.63 -9.04 -25.24
CA ASN A 121 3.91 -10.10 -26.19
C ASN A 121 2.72 -10.22 -27.14
N TYR A 122 2.94 -10.91 -28.23
CA TYR A 122 1.94 -10.90 -29.27
C TYR A 122 0.63 -11.59 -28.80
N ILE A 132 -8.56 4.80 -20.00
CA ILE A 132 -7.70 4.72 -18.80
C ILE A 132 -7.03 6.08 -18.51
N TYR A 133 -6.16 6.52 -19.41
CA TYR A 133 -5.36 7.73 -19.24
C TYR A 133 -6.14 8.98 -19.61
N SER A 134 -5.66 10.13 -19.10
CA SER A 134 -6.42 11.37 -19.15
C SER A 134 -5.49 12.60 -19.10
N SER A 135 -4.38 12.54 -19.84
CA SER A 135 -3.49 13.69 -19.96
C SER A 135 -2.93 13.73 -21.37
N LYS A 136 -2.50 14.93 -21.79
CA LYS A 136 -1.87 15.08 -23.09
C LYS A 136 -0.56 14.29 -23.16
N GLU A 137 0.23 14.33 -22.08
CA GLU A 137 1.56 13.75 -22.10
C GLU A 137 1.49 12.22 -22.27
N ARG A 138 0.44 11.58 -21.74
CA ARG A 138 0.29 10.14 -21.95
C ARG A 138 0.03 9.84 -23.41
N GLU A 139 -0.88 10.59 -24.02
CA GLU A 139 -1.13 10.45 -25.45
C GLU A 139 0.17 10.61 -26.25
N ILE A 140 0.96 11.62 -25.92
CA ILE A 140 2.18 11.88 -26.67
C ILE A 140 3.15 10.71 -26.56
N TYR A 141 3.52 10.33 -25.33
CA TYR A 141 4.60 9.37 -25.14
C TYR A 141 4.16 7.91 -25.33
N GLN A 142 2.87 7.58 -25.23
CA GLN A 142 2.51 6.18 -25.45
C GLN A 142 2.74 5.82 -26.90
N LYS A 143 2.67 6.81 -27.77
CA LYS A 143 2.82 6.70 -29.21
C LYS A 143 4.26 6.80 -29.65
N HIS A 144 5.09 7.49 -28.87
CA HIS A 144 6.40 7.91 -29.33
C HIS A 144 7.26 6.70 -29.63
N ASP A 145 7.95 6.75 -30.77
CA ASP A 145 8.71 5.58 -31.20
C ASP A 145 9.98 5.37 -30.40
N LYS A 146 10.55 6.43 -29.79
CA LYS A 146 11.72 6.24 -28.92
C LYS A 146 11.34 5.92 -27.47
N ASN A 147 10.06 5.76 -27.18
CA ASN A 147 9.58 5.44 -25.83
C ASN A 147 9.07 4.01 -25.71
N GLN A 148 9.60 3.11 -26.56
CA GLN A 148 9.07 1.76 -26.66
C GLN A 148 9.94 0.75 -25.95
N ILE A 149 11.25 0.87 -26.08
CA ILE A 149 12.17 -0.11 -25.54
C ILE A 149 13.29 0.62 -24.81
N MET A 150 13.39 0.39 -23.51
CA MET A 150 14.42 1.09 -22.76
C MET A 150 15.78 0.43 -23.01
N THR A 151 16.79 1.20 -23.47
CA THR A 151 18.13 0.62 -23.63
C THR A 151 18.79 0.35 -22.28
N PRO A 152 19.73 -0.61 -22.23
CA PRO A 152 20.48 -0.87 -20.97
C PRO A 152 21.21 0.36 -20.48
N GLU A 153 21.80 1.10 -21.41
CA GLU A 153 22.57 2.29 -21.05
C GLU A 153 21.68 3.35 -20.42
N ASN A 154 20.53 3.60 -21.04
CA ASN A 154 19.60 4.57 -20.45
C ASN A 154 19.06 4.09 -19.11
N ALA A 155 18.67 2.82 -19.00
CA ALA A 155 18.20 2.29 -17.71
C ALA A 155 19.22 2.51 -16.61
N ILE A 156 20.48 2.14 -16.84
CA ILE A 156 21.49 2.30 -15.81
C ILE A 156 21.66 3.78 -15.45
N ASN A 157 21.69 4.67 -16.45
CA ASN A 157 21.82 6.11 -16.22
C ASN A 157 20.67 6.67 -15.37
N TYR A 158 19.43 6.32 -15.73
CA TYR A 158 18.26 6.76 -14.96
C TYR A 158 18.36 6.33 -13.50
N ILE A 159 18.69 5.05 -13.26
CA ILE A 159 18.80 4.54 -11.90
C ILE A 159 19.91 5.27 -11.16
N GLU A 160 21.02 5.51 -11.86
CA GLU A 160 22.17 6.12 -11.20
C GLU A 160 21.88 7.55 -10.76
N LYS A 161 21.08 8.28 -11.56
CA LYS A 161 20.67 9.63 -11.21
C LYS A 161 19.83 9.62 -9.93
N VAL A 162 18.91 8.66 -9.82
CA VAL A 162 18.11 8.55 -8.61
C VAL A 162 18.98 8.18 -7.42
N ILE A 163 19.87 7.18 -7.59
CA ILE A 163 20.70 6.74 -6.47
C ILE A 163 21.58 7.88 -5.97
N GLU A 164 22.20 8.61 -6.90
CA GLU A 164 23.08 9.71 -6.47
C GLU A 164 22.33 10.75 -5.65
N LYS A 165 21.10 11.07 -6.06
CA LYS A 165 20.29 12.06 -5.33
C LYS A 165 19.93 11.55 -3.94
N ILE A 166 19.39 10.33 -3.83
CA ILE A 166 18.87 9.93 -2.53
C ILE A 166 19.98 9.56 -1.55
N ILE A 167 21.14 9.08 -2.01
CA ILE A 167 22.17 8.78 -1.01
C ILE A 167 22.74 10.09 -0.42
N LYS A 168 22.67 11.18 -1.18
CA LYS A 168 23.00 12.50 -0.61
C LYS A 168 22.07 12.86 0.55
N ALA A 169 20.82 12.37 0.54
CA ALA A 169 19.92 12.47 1.69
C ALA A 169 20.12 11.34 2.70
N ASN A 170 21.16 10.53 2.54
CA ASN A 170 21.43 9.41 3.43
C ASN A 170 20.37 8.32 3.36
N ASN A 171 19.64 8.21 2.26
CA ASN A 171 18.75 7.06 2.08
C ASN A 171 19.58 5.79 1.90
N LYS A 172 19.09 4.70 2.49
CA LYS A 172 19.82 3.44 2.57
C LYS A 172 19.20 2.32 1.75
N GLU A 173 18.09 2.58 1.05
CA GLU A 173 17.36 1.54 0.35
C GLU A 173 16.62 2.15 -0.84
N LEU A 174 16.33 1.31 -1.84
CA LEU A 174 15.59 1.79 -3.00
C LEU A 174 14.95 0.56 -3.61
N SER A 175 13.67 0.65 -4.00
CA SER A 175 13.06 -0.48 -4.67
C SER A 175 13.00 -0.18 -6.15
N ILE A 176 13.23 -1.20 -6.99
CA ILE A 176 13.18 -1.03 -8.43
C ILE A 176 12.27 -2.11 -8.97
N GLN A 177 11.18 -1.70 -9.61
CA GLN A 177 10.19 -2.66 -10.08
C GLN A 177 10.25 -2.67 -11.59
N PHE A 178 10.63 -3.80 -12.17
CA PHE A 178 10.58 -3.93 -13.63
C PHE A 178 9.14 -4.07 -14.09
N PHE A 179 8.70 -3.18 -14.99
CA PHE A 179 7.31 -3.00 -15.34
C PHE A 179 7.16 -2.78 -16.84
N GLY A 180 5.96 -2.97 -17.35
CA GLY A 180 5.83 -2.74 -18.76
C GLY A 180 4.48 -2.28 -19.08
N GLY A 181 4.20 -2.44 -20.38
CA GLY A 181 3.63 -3.61 -21.03
C GLY A 181 4.19 -4.89 -20.46
N GLU A 182 4.90 -5.74 -21.23
CA GLU A 182 5.37 -7.02 -20.67
C GLU A 182 6.88 -6.95 -20.48
N PRO A 183 7.43 -6.87 -19.27
CA PRO A 183 8.87 -6.55 -19.16
C PRO A 183 9.77 -7.60 -19.80
N LEU A 184 9.34 -8.87 -19.86
CA LEU A 184 10.23 -9.91 -20.43
C LEU A 184 10.42 -9.75 -21.92
N THR A 185 9.63 -8.89 -22.59
CA THR A 185 9.97 -8.50 -23.96
C THR A 185 11.27 -7.71 -24.00
N ASN A 186 11.82 -7.32 -22.84
CA ASN A 186 13.09 -6.59 -22.77
C ASN A 186 13.98 -7.18 -21.69
N TRP A 187 14.14 -8.52 -21.73
CA TRP A 187 15.02 -9.17 -20.78
C TRP A 187 16.46 -8.64 -20.86
N ASN A 188 16.91 -8.27 -22.06
CA ASN A 188 18.27 -7.75 -22.17
C ASN A 188 18.52 -6.60 -21.20
N THR A 189 17.59 -5.63 -21.14
CA THR A 189 17.82 -4.49 -20.25
C THR A 189 17.69 -4.90 -18.79
N ILE A 190 16.72 -5.75 -18.47
CA ILE A 190 16.59 -6.21 -17.10
C ILE A 190 17.87 -6.89 -16.63
N GLU A 191 18.39 -7.82 -17.45
CA GLU A 191 19.56 -8.59 -17.08
C GLU A 191 20.79 -7.69 -16.90
N ARG A 192 20.93 -6.68 -17.79
CA ARG A 192 22.04 -5.73 -17.70
C ARG A 192 21.94 -4.86 -16.48
N VAL A 193 20.72 -4.52 -16.05
CA VAL A 193 20.57 -3.71 -14.85
C VAL A 193 20.98 -4.51 -13.63
N LEU A 194 20.45 -5.73 -13.53
CA LEU A 194 20.81 -6.63 -12.44
C LEU A 194 22.32 -6.84 -12.38
N ASP A 195 22.95 -7.09 -13.53
CA ASP A 195 24.39 -7.33 -13.50
C ASP A 195 25.17 -6.07 -13.14
N HIS A 196 24.74 -4.92 -13.63
CA HIS A 196 25.46 -3.69 -13.34
C HIS A 196 25.50 -3.41 -11.83
N TYR A 197 24.39 -3.60 -11.13
CA TYR A 197 24.29 -3.19 -9.74
C TYR A 197 24.59 -4.35 -8.77
N LYS A 198 25.19 -5.43 -9.26
CA LYS A 198 25.30 -6.61 -8.39
C LYS A 198 26.22 -6.37 -7.20
N ASN A 199 27.10 -5.38 -7.29
CA ASN A 199 28.04 -5.12 -6.21
C ASN A 199 27.78 -3.77 -5.54
N GLU A 200 26.60 -3.22 -5.77
CA GLU A 200 26.26 -1.92 -5.22
C GLU A 200 26.35 -1.92 -3.70
N ASP A 201 26.99 -0.91 -3.14
CA ASP A 201 27.11 -0.86 -1.69
C ASP A 201 26.78 0.50 -1.10
N ARG A 202 26.35 1.46 -1.91
CA ARG A 202 25.91 2.74 -1.39
C ARG A 202 24.55 2.65 -0.71
N LEU A 203 23.66 1.76 -1.18
CA LEU A 203 22.38 1.49 -0.55
C LEU A 203 21.98 0.06 -0.90
N LYS A 204 20.88 -0.42 -0.30
CA LYS A 204 20.38 -1.75 -0.60
C LYS A 204 19.29 -1.60 -1.66
N ILE A 205 19.45 -2.24 -2.81
CA ILE A 205 18.41 -2.23 -3.84
C ILE A 205 17.58 -3.51 -3.71
N ASP A 206 16.27 -3.36 -3.70
CA ASP A 206 15.32 -4.46 -3.72
C ASP A 206 14.62 -4.45 -5.07
N TYR A 207 14.57 -5.58 -5.75
CA TYR A 207 13.94 -5.62 -7.05
C TYR A 207 12.62 -6.39 -7.02
N SER A 208 11.76 -6.14 -8.01
CA SER A 208 10.62 -7.03 -8.26
C SER A 208 10.32 -6.95 -9.75
N ILE A 209 9.51 -7.89 -10.24
CA ILE A 209 9.13 -7.86 -11.65
C ILE A 209 7.67 -8.23 -11.78
N VAL A 210 6.92 -7.50 -12.59
CA VAL A 210 5.50 -7.76 -12.79
C VAL A 210 5.29 -8.21 -14.23
N THR A 211 4.85 -9.46 -14.40
CA THR A 211 4.91 -10.11 -15.71
C THR A 211 3.69 -11.03 -15.92
N ASN A 212 3.35 -11.29 -17.19
CA ASN A 212 2.36 -12.35 -17.36
C ASN A 212 3.00 -13.73 -17.37
N GLY A 213 4.32 -13.80 -17.33
CA GLY A 213 5.07 -15.02 -17.16
C GLY A 213 5.20 -15.88 -18.42
N ALA A 214 4.55 -15.50 -19.53
CA ALA A 214 4.57 -16.34 -20.74
C ALA A 214 5.98 -16.62 -21.24
N LEU A 215 6.86 -15.63 -21.15
CA LEU A 215 8.23 -15.73 -21.67
C LEU A 215 9.26 -16.30 -20.68
N ILE A 216 8.84 -16.86 -19.55
CA ILE A 216 9.80 -17.37 -18.57
C ILE A 216 10.43 -18.65 -19.10
N THR A 217 11.74 -18.70 -19.05
CA THR A 217 12.60 -19.82 -19.34
C THR A 217 13.45 -20.21 -18.14
N PRO A 218 13.98 -21.42 -18.11
CA PRO A 218 14.86 -21.80 -16.99
C PRO A 218 15.97 -20.83 -16.78
N LYS A 219 16.54 -20.27 -17.85
CA LYS A 219 17.64 -19.32 -17.68
CA LYS A 219 17.64 -19.32 -17.69
C LYS A 219 17.18 -18.06 -16.95
N ILE A 220 16.03 -17.52 -17.36
CA ILE A 220 15.51 -16.29 -16.74
C ILE A 220 15.16 -16.59 -15.30
N SER A 221 14.51 -17.71 -15.07
CA SER A 221 14.12 -18.09 -13.71
C SER A 221 15.36 -18.23 -12.83
N GLU A 222 16.42 -18.88 -13.33
CA GLU A 222 17.60 -18.98 -12.48
C GLU A 222 18.19 -17.61 -12.16
N TYR A 223 18.09 -16.68 -13.11
CA TYR A 223 18.69 -15.36 -12.94
C TYR A 223 17.87 -14.52 -11.97
N LEU A 224 16.55 -14.59 -12.08
CA LEU A 224 15.68 -13.92 -11.09
C LEU A 224 15.94 -14.46 -9.69
N LYS A 225 16.20 -15.76 -9.56
CA LYS A 225 16.46 -16.31 -8.23
C LYS A 225 17.80 -15.82 -7.71
N LYS A 226 18.80 -15.82 -8.59
CA LYS A 226 20.13 -15.37 -8.20
C LYS A 226 20.11 -13.96 -7.63
N TYR A 227 19.29 -13.07 -8.20
CA TYR A 227 19.17 -11.71 -7.70
C TYR A 227 18.00 -11.52 -6.74
N ASN A 228 17.36 -12.60 -6.31
CA ASN A 228 16.30 -12.53 -5.28
C ASN A 228 15.20 -11.56 -5.70
N VAL A 229 14.69 -11.76 -6.91
CA VAL A 229 13.69 -10.90 -7.52
C VAL A 229 12.35 -11.60 -7.39
N PRO A 230 11.48 -11.17 -6.51
CA PRO A 230 10.12 -11.73 -6.51
C PRO A 230 9.40 -11.46 -7.81
N VAL A 231 8.68 -12.46 -8.24
CA VAL A 231 7.96 -12.49 -9.51
C VAL A 231 6.47 -12.34 -9.25
N ILE A 232 5.86 -11.28 -9.78
CA ILE A 232 4.43 -11.06 -9.56
C ILE A 232 3.77 -11.38 -10.89
N MET A 233 3.04 -12.47 -10.94
CA MET A 233 2.47 -12.95 -12.20
C MET A 233 0.97 -12.65 -12.28
N SER A 234 0.53 -11.96 -13.34
CA SER A 234 -0.90 -11.79 -13.51
C SER A 234 -1.59 -13.15 -13.66
N PHE A 235 -2.68 -13.34 -12.95
CA PHE A 235 -3.41 -14.60 -13.15
C PHE A 235 -4.88 -14.32 -12.86
N ASP A 236 -5.77 -14.78 -13.74
CA ASP A 236 -7.20 -14.78 -13.42
C ASP A 236 -7.83 -16.12 -13.80
N SER A 237 -8.88 -16.49 -13.08
CA SER A 237 -9.61 -17.72 -13.34
C SER A 237 -10.38 -17.62 -14.66
N PRO A 238 -10.74 -18.76 -15.28
CA PRO A 238 -11.38 -18.70 -16.60
C PRO A 238 -12.71 -17.94 -16.54
N ASN A 239 -12.91 -17.05 -17.52
CA ASN A 239 -14.03 -16.11 -17.50
C ASN A 239 -14.57 -15.85 -18.90
N ARG A 240 -15.10 -14.64 -19.12
CA ARG A 240 -15.75 -14.19 -20.35
C ARG A 240 -17.03 -14.97 -20.55
N SER A 251 -2.95 -21.27 -22.80
CA SER A 251 -3.31 -20.29 -21.77
C SER A 251 -2.83 -20.77 -20.41
N ILE A 252 -3.58 -21.74 -19.88
CA ILE A 252 -3.29 -22.24 -18.55
C ILE A 252 -2.13 -23.22 -18.62
N LYS A 253 -1.98 -23.93 -19.73
CA LYS A 253 -0.84 -24.81 -19.86
C LYS A 253 0.46 -24.00 -19.82
N ASN A 254 0.47 -22.82 -20.45
CA ASN A 254 1.70 -22.04 -20.44
C ASN A 254 1.92 -21.41 -19.07
N THR A 255 0.84 -21.04 -18.40
CA THR A 255 0.98 -20.55 -17.03
C THR A 255 1.56 -21.64 -16.16
N ILE A 256 1.06 -22.89 -16.27
CA ILE A 256 1.60 -23.99 -15.48
C ILE A 256 3.05 -24.24 -15.85
N LYS A 257 3.38 -24.20 -17.15
CA LYS A 257 4.77 -24.36 -17.57
C LYS A 257 5.68 -23.34 -16.89
N SER A 258 5.23 -22.06 -16.81
CA SER A 258 6.10 -21.06 -16.21
C SER A 258 6.18 -21.23 -14.70
N LEU A 259 5.06 -21.55 -14.09
CA LEU A 259 5.10 -21.77 -12.64
C LEU A 259 6.00 -22.95 -12.29
N GLU A 260 5.98 -24.01 -13.09
CA GLU A 260 6.81 -25.15 -12.73
C GLU A 260 8.28 -24.79 -12.79
N ILE A 261 8.67 -23.96 -13.79
CA ILE A 261 10.04 -23.47 -13.85
C ILE A 261 10.37 -22.63 -12.62
N LEU A 262 9.52 -21.65 -12.30
CA LEU A 262 9.80 -20.78 -11.15
C LEU A 262 9.88 -21.57 -9.84
N LYS A 263 8.98 -22.56 -9.66
CA LYS A 263 8.93 -23.32 -8.41
C LYS A 263 10.15 -24.20 -8.25
N GLU A 264 10.66 -24.72 -9.38
CA GLU A 264 11.85 -25.57 -9.36
C GLU A 264 13.04 -24.85 -8.78
N ASN A 265 13.24 -23.59 -9.15
CA ASN A 265 14.32 -22.72 -8.68
C ASN A 265 13.97 -22.02 -7.37
N ASN A 266 12.80 -22.29 -6.79
CA ASN A 266 12.44 -21.76 -5.48
C ASN A 266 12.35 -20.23 -5.52
N ASN A 267 11.96 -19.72 -6.66
CA ASN A 267 11.66 -18.29 -6.75
C ASN A 267 10.47 -17.93 -5.85
N TYR A 268 10.40 -16.66 -5.46
CA TYR A 268 9.26 -16.16 -4.71
C TYR A 268 8.23 -15.74 -5.73
N ILE A 269 7.05 -16.36 -5.68
CA ILE A 269 6.00 -16.07 -6.67
C ILE A 269 4.77 -15.49 -6.00
N ALA A 270 4.16 -14.47 -6.62
CA ALA A 270 2.87 -13.95 -6.22
C ALA A 270 1.99 -13.95 -7.46
N PHE A 271 0.68 -14.12 -7.27
CA PHE A 271 -0.27 -13.84 -8.33
C PHE A 271 -0.82 -12.45 -8.13
N ASN A 272 -1.21 -11.81 -9.24
CA ASN A 272 -1.95 -10.57 -9.20
C ASN A 272 -3.28 -10.87 -9.87
N SER A 273 -4.40 -10.81 -9.14
CA SER A 273 -5.73 -11.17 -9.66
C SER A 273 -6.63 -9.96 -9.50
N VAL A 274 -7.53 -9.78 -10.46
CA VAL A 274 -8.41 -8.62 -10.48
C VAL A 274 -9.80 -9.02 -10.02
N LEU A 275 -10.39 -8.22 -9.12
CA LEU A 275 -11.80 -8.40 -8.75
C LEU A 275 -12.53 -7.22 -9.38
N SER A 276 -13.27 -7.47 -10.46
CA SER A 276 -13.84 -6.36 -11.20
C SER A 276 -15.20 -6.75 -11.71
N ARG A 277 -15.85 -5.81 -12.38
CA ARG A 277 -17.12 -6.17 -12.99
C ARG A 277 -16.99 -7.40 -13.87
N ASP A 278 -15.90 -7.50 -14.61
CA ASP A 278 -15.75 -8.60 -15.57
C ASP A 278 -15.37 -9.93 -14.91
N THR A 279 -14.70 -9.92 -13.77
CA THR A 279 -14.29 -11.18 -13.14
C THR A 279 -15.23 -11.60 -12.01
N PHE A 280 -16.16 -10.71 -11.61
CA PHE A 280 -16.90 -10.88 -10.36
C PHE A 280 -17.54 -12.27 -10.23
N ASP A 281 -18.26 -12.72 -11.24
CA ASP A 281 -18.94 -14.00 -11.13
C ASP A 281 -18.02 -15.19 -11.25
N TYR A 282 -16.79 -15.00 -11.68
CA TYR A 282 -15.81 -16.05 -11.88
C TYR A 282 -14.75 -16.07 -10.81
N PHE A 283 -14.80 -15.15 -9.86
CA PHE A 283 -13.73 -14.98 -8.87
C PHE A 283 -14.00 -15.92 -7.71
N ASN A 284 -13.17 -16.94 -7.50
CA ASN A 284 -13.53 -17.90 -6.45
C ASN A 284 -12.25 -18.37 -5.79
N ASN A 285 -12.39 -19.31 -4.89
CA ASN A 285 -11.25 -19.65 -4.07
C ASN A 285 -10.32 -20.64 -4.73
N ASP A 286 -10.63 -21.15 -5.95
CA ASP A 286 -9.77 -22.11 -6.65
C ASP A 286 -8.35 -21.62 -6.78
N ILE A 287 -8.18 -20.31 -6.94
CA ILE A 287 -6.84 -19.77 -7.15
C ILE A 287 -5.92 -20.08 -5.97
N VAL A 288 -6.46 -20.23 -4.75
CA VAL A 288 -5.60 -20.59 -3.63
C VAL A 288 -5.06 -22.03 -3.76
N ASP A 289 -5.93 -22.97 -4.13
CA ASP A 289 -5.52 -24.36 -4.38
C ASP A 289 -4.47 -24.44 -5.49
N PHE A 290 -4.66 -23.63 -6.54
CA PHE A 290 -3.67 -23.54 -7.62
C PHE A 290 -2.36 -22.98 -7.09
N ALA A 291 -2.44 -21.88 -6.34
CA ALA A 291 -1.24 -21.29 -5.77
C ALA A 291 -0.47 -22.30 -4.91
N GLN A 292 -1.18 -23.06 -4.04
CA GLN A 292 -0.44 -23.92 -3.13
C GLN A 292 0.26 -25.03 -3.92
N ASN A 293 -0.38 -25.43 -5.01
CA ASN A 293 0.18 -26.54 -5.83
C ASN A 293 1.50 -26.12 -6.45
N TYR A 294 1.63 -24.83 -6.79
CA TYR A 294 2.85 -24.36 -7.44
C TYR A 294 3.72 -23.48 -6.55
N ASN A 295 3.61 -23.61 -5.23
CA ASN A 295 4.43 -22.87 -4.28
C ASN A 295 4.40 -21.38 -4.59
N VAL A 296 3.22 -20.85 -4.87
CA VAL A 296 2.99 -19.41 -4.99
C VAL A 296 2.65 -18.91 -3.59
N SER A 297 3.40 -17.92 -3.11
CA SER A 297 3.32 -17.47 -1.71
C SER A 297 2.25 -16.43 -1.44
N GLU A 298 1.79 -15.72 -2.47
CA GLU A 298 0.98 -14.54 -2.22
C GLU A 298 0.00 -14.42 -3.38
N ILE A 299 -1.16 -13.85 -3.08
CA ILE A 299 -2.17 -13.54 -4.11
C ILE A 299 -2.61 -12.10 -3.88
N GLY A 300 -2.29 -11.19 -4.81
CA GLY A 300 -2.70 -9.79 -4.65
C GLY A 300 -4.04 -9.66 -5.35
N ILE A 301 -5.00 -9.05 -4.65
CA ILE A 301 -6.32 -8.79 -5.20
C ILE A 301 -6.39 -7.31 -5.53
N LEU A 302 -6.51 -6.99 -6.81
CA LEU A 302 -6.74 -5.61 -7.24
C LEU A 302 -8.23 -5.37 -7.45
N LEU A 303 -8.78 -4.40 -6.72
CA LEU A 303 -10.20 -4.07 -6.88
C LEU A 303 -10.40 -3.17 -8.10
N ASP A 304 -11.51 -3.37 -8.80
CA ASP A 304 -11.80 -2.64 -10.05
C ASP A 304 -11.39 -1.16 -10.00
N LEU A 305 -10.64 -0.74 -11.01
CA LEU A 305 -10.31 0.69 -11.17
C LEU A 305 -11.43 1.49 -11.79
N ASN A 306 -12.48 0.84 -12.31
CA ASN A 306 -13.63 1.58 -12.84
C ASN A 306 -14.56 1.93 -11.69
N PRO A 307 -14.77 3.22 -11.37
CA PRO A 307 -15.63 3.55 -10.22
C PRO A 307 -17.06 3.02 -10.32
N SER A 308 -17.56 2.67 -11.52
CA SER A 308 -18.93 2.17 -11.56
C SER A 308 -19.08 0.85 -10.82
N PHE A 309 -17.99 0.12 -10.64
CA PHE A 309 -18.05 -1.12 -9.86
C PHE A 309 -18.67 -0.88 -8.50
N TYR A 310 -18.30 0.23 -7.84
CA TYR A 310 -18.74 0.46 -6.48
C TYR A 310 -20.14 1.02 -6.41
N LYS A 311 -20.73 1.42 -7.55
CA LYS A 311 -22.14 1.81 -7.58
C LYS A 311 -23.04 0.66 -8.01
N ASP A 312 -22.55 -0.22 -8.86
CA ASP A 312 -23.36 -1.24 -9.52
C ASP A 312 -23.37 -2.59 -8.82
N PHE A 313 -22.42 -2.84 -7.91
CA PHE A 313 -22.32 -4.15 -7.28
C PHE A 313 -22.56 -3.98 -5.79
N ASN A 314 -23.24 -4.95 -5.20
CA ASN A 314 -23.58 -4.82 -3.80
C ASN A 314 -22.27 -4.83 -2.98
N LEU A 315 -22.06 -3.83 -2.12
CA LEU A 315 -20.76 -3.73 -1.43
C LEU A 315 -20.52 -4.91 -0.48
N ASP A 316 -21.54 -5.41 0.21
CA ASP A 316 -21.34 -6.58 1.06
C ASP A 316 -20.89 -7.80 0.24
N ASP A 317 -21.38 -7.95 -1.01
CA ASP A 317 -20.92 -9.09 -1.81
C ASP A 317 -19.47 -8.93 -2.25
N ILE A 318 -19.04 -7.70 -2.57
CA ILE A 318 -17.62 -7.45 -2.83
C ILE A 318 -16.80 -7.83 -1.62
N VAL A 319 -17.23 -7.35 -0.46
CA VAL A 319 -16.50 -7.64 0.79
C VAL A 319 -16.42 -9.13 1.00
N ASN A 320 -17.54 -9.84 0.82
CA ASN A 320 -17.46 -11.29 1.10
C ASN A 320 -16.56 -12.02 0.11
N LYS A 321 -16.47 -11.56 -1.13
CA LYS A 321 -15.57 -12.24 -2.05
C LYS A 321 -14.11 -12.07 -1.62
N VAL A 322 -13.78 -10.86 -1.17
CA VAL A 322 -12.42 -10.60 -0.71
C VAL A 322 -12.15 -11.41 0.54
N ILE A 323 -13.05 -11.32 1.54
CA ILE A 323 -12.77 -11.96 2.84
C ILE A 323 -12.77 -13.49 2.69
N ASP A 324 -13.64 -14.06 1.86
CA ASP A 324 -13.59 -15.50 1.68
C ASP A 324 -12.25 -15.96 1.12
N LEU A 325 -11.76 -15.27 0.08
CA LEU A 325 -10.44 -15.61 -0.47
C LEU A 325 -9.36 -15.43 0.59
N TYR A 326 -9.42 -14.30 1.31
CA TYR A 326 -8.40 -13.99 2.30
C TYR A 326 -8.35 -15.05 3.37
N GLU A 327 -9.51 -15.44 3.91
CA GLU A 327 -9.53 -16.43 4.99
C GLU A 327 -9.16 -17.82 4.48
N TYR A 328 -9.65 -18.21 3.28
CA TYR A 328 -9.21 -19.52 2.74
C TYR A 328 -7.69 -19.51 2.49
N GLY A 329 -7.16 -18.34 2.05
CA GLY A 329 -5.73 -18.24 1.90
C GLY A 329 -5.01 -18.45 3.23
N LEU A 330 -5.50 -17.77 4.28
CA LEU A 330 -4.86 -17.91 5.60
C LEU A 330 -4.87 -19.35 6.03
N ASP A 331 -6.01 -20.04 5.80
CA ASP A 331 -6.10 -21.46 6.16
C ASP A 331 -5.08 -22.31 5.41
N ASN A 332 -4.61 -21.85 4.24
CA ASN A 332 -3.68 -22.58 3.38
C ASN A 332 -2.26 -21.98 3.36
N GLY A 333 -1.96 -21.01 4.23
CA GLY A 333 -0.63 -20.50 4.31
C GLY A 333 -0.25 -19.60 3.16
N ILE A 334 -1.24 -19.06 2.47
CA ILE A 334 -1.04 -18.19 1.33
C ILE A 334 -1.47 -16.78 1.73
N ILE A 335 -0.58 -15.81 1.52
CA ILE A 335 -0.83 -14.41 1.85
C ILE A 335 -1.73 -13.79 0.78
N VAL A 336 -2.97 -13.50 1.11
CA VAL A 336 -3.87 -12.79 0.19
C VAL A 336 -3.79 -11.34 0.58
N THR A 337 -3.51 -10.47 -0.39
CA THR A 337 -3.08 -9.11 -0.07
C THR A 337 -3.60 -8.18 -1.16
N GLY A 338 -3.10 -6.94 -1.15
CA GLY A 338 -3.63 -5.90 -2.02
C GLY A 338 -3.61 -4.61 -1.24
N TYR A 339 -3.97 -3.51 -1.90
CA TYR A 339 -3.91 -2.25 -1.16
C TYR A 339 -4.79 -2.29 0.09
N TRP A 340 -5.97 -2.92 -0.03
CA TRP A 340 -6.89 -3.00 1.11
C TRP A 340 -6.24 -3.73 2.26
N HIS A 341 -5.35 -4.70 1.97
CA HIS A 341 -4.66 -5.44 3.03
C HIS A 341 -3.52 -4.62 3.61
N ILE A 342 -2.83 -3.83 2.81
CA ILE A 342 -1.86 -2.87 3.36
C ILE A 342 -2.55 -1.93 4.34
N THR A 343 -3.71 -1.42 3.96
CA THR A 343 -4.47 -0.57 4.88
C THR A 343 -4.78 -1.29 6.18
N TYR A 344 -5.28 -2.54 6.07
CA TYR A 344 -5.60 -3.32 7.29
C TYR A 344 -4.36 -3.57 8.13
N GLN A 345 -3.23 -3.95 7.49
CA GLN A 345 -2.03 -4.20 8.29
C GLN A 345 -1.51 -2.93 8.93
N ASN A 346 -1.71 -1.76 8.29
CA ASN A 346 -1.28 -0.51 8.93
C ASN A 346 -2.09 -0.25 10.20
N ILE A 347 -3.34 -0.67 10.21
CA ILE A 347 -4.22 -0.53 11.36
C ILE A 347 -3.74 -1.39 12.50
N ILE A 348 -3.00 -2.46 12.21
CA ILE A 348 -2.42 -3.26 13.30
C ILE A 348 -1.05 -2.71 13.74
N MET A 349 -0.20 -2.37 12.77
CA MET A 349 1.17 -1.93 13.03
CA MET A 349 1.20 -2.00 12.97
C MET A 349 1.54 -0.88 11.99
N ASN A 350 1.80 0.32 12.48
CA ASN A 350 1.97 1.45 11.57
C ASN A 350 3.31 1.34 10.85
N LYS A 351 3.25 1.32 9.52
CA LYS A 351 4.45 1.45 8.72
C LYS A 351 4.39 2.66 7.80
N SER A 352 3.21 3.29 7.67
CA SER A 352 3.11 4.39 6.70
C SER A 352 3.88 5.64 7.12
N ILE A 353 3.92 5.97 8.41
CA ILE A 353 4.64 7.17 8.86
C ILE A 353 6.10 7.16 8.40
N ASP A 354 6.79 6.02 8.55
CA ASP A 354 8.21 5.99 8.14
C ASP A 354 8.42 5.93 6.63
N ARG A 355 7.46 5.38 5.90
CA ARG A 355 7.53 5.27 4.45
C ARG A 355 7.27 6.61 3.79
N GLY A 356 6.41 7.44 4.40
CA GLY A 356 6.00 8.69 3.75
C GLY A 356 4.81 8.58 2.85
N TYR A 357 4.23 7.40 2.73
CA TYR A 357 3.00 7.21 1.97
C TYR A 357 2.31 5.97 2.53
N LYS A 358 1.06 5.83 2.17
CA LYS A 358 0.22 4.76 2.71
C LYS A 358 0.21 3.59 1.74
N THR A 359 -0.87 3.41 0.96
CA THR A 359 -0.87 2.27 0.04
C THR A 359 -0.47 2.67 -1.37
N CYS A 360 -0.63 3.97 -1.74
CA CYS A 360 -0.28 4.44 -3.04
C CYS A 360 1.10 5.12 -2.99
N SER A 361 2.11 4.49 -3.60
CA SER A 361 3.40 5.15 -3.58
C SER A 361 3.51 6.32 -4.58
N ALA A 362 2.47 6.55 -5.42
CA ALA A 362 2.55 7.58 -6.44
C ALA A 362 2.37 8.98 -5.88
N THR A 363 2.01 9.08 -4.59
CA THR A 363 1.89 10.41 -3.94
C THR A 363 3.27 10.92 -3.52
N GLY A 364 4.15 11.06 -4.51
CA GLY A 364 5.49 11.57 -4.23
C GLY A 364 6.57 10.53 -4.00
N GLY A 365 6.21 9.25 -3.72
CA GLY A 365 7.19 8.25 -3.30
C GLY A 365 7.83 7.45 -4.43
N GLN A 366 7.31 7.64 -5.63
CA GLN A 366 7.68 6.78 -6.78
C GLN A 366 8.02 7.62 -8.01
N LEU A 367 9.05 7.20 -8.74
CA LEU A 367 9.27 7.75 -10.08
C LEU A 367 9.02 6.64 -11.09
N SER A 368 8.06 6.82 -11.97
CA SER A 368 7.78 5.81 -12.98
C SER A 368 8.48 6.30 -14.25
N ILE A 369 9.57 5.64 -14.58
CA ILE A 369 10.51 6.10 -15.60
C ILE A 369 10.29 5.27 -16.86
N GLU A 370 9.89 5.97 -17.97
CA GLU A 370 9.62 5.44 -19.31
C GLU A 370 10.91 5.28 -20.10
N PRO A 371 10.89 4.47 -21.16
CA PRO A 371 12.13 4.24 -21.93
C PRO A 371 12.87 5.51 -22.34
N MET A 372 12.18 6.55 -22.78
CA MET A 372 12.90 7.75 -23.20
C MET A 372 13.21 8.71 -22.05
N GLY A 373 12.96 8.31 -20.82
CA GLY A 373 13.41 9.11 -19.70
C GLY A 373 12.35 10.05 -19.19
N VAL A 374 11.16 10.02 -19.77
CA VAL A 374 10.05 10.79 -19.22
C VAL A 374 9.54 10.06 -17.97
N VAL A 375 8.99 10.85 -17.04
CA VAL A 375 8.71 10.37 -15.69
C VAL A 375 7.29 10.74 -15.32
N PHE A 376 6.52 9.74 -14.88
CA PHE A 376 5.14 9.94 -14.42
C PHE A 376 5.08 9.51 -12.95
N ALA A 377 3.98 9.87 -12.29
CA ALA A 377 3.78 9.40 -10.91
C ALA A 377 3.75 7.88 -10.83
N CYS A 378 3.19 7.24 -11.87
CA CYS A 378 2.90 5.81 -11.88
C CYS A 378 2.39 5.44 -13.25
N LYS A 379 2.66 4.22 -13.68
CA LYS A 379 2.03 3.72 -14.89
C LYS A 379 0.50 3.73 -14.76
N GLY A 380 -0.03 3.63 -13.53
CA GLY A 380 -1.47 3.73 -13.28
C GLY A 380 -2.05 5.15 -13.30
N SER A 381 -1.24 6.18 -13.56
CA SER A 381 -1.62 7.58 -13.37
C SER A 381 -1.29 8.33 -14.66
N SER A 382 -1.98 9.45 -14.90
CA SER A 382 -1.65 10.34 -16.00
C SER A 382 -0.73 11.49 -15.59
N GLY A 383 -0.35 11.57 -14.31
CA GLY A 383 0.46 12.68 -13.78
C GLY A 383 1.87 12.70 -14.31
N TYR A 384 2.18 13.64 -15.21
CA TYR A 384 3.52 13.85 -15.77
C TYR A 384 4.33 14.76 -14.86
N PHE A 385 5.52 14.28 -14.46
CA PHE A 385 6.47 14.96 -13.59
C PHE A 385 7.58 15.65 -14.36
N GLY A 386 8.10 15.04 -15.42
CA GLY A 386 9.20 15.66 -16.12
C GLY A 386 10.09 14.60 -16.78
N ASN A 387 11.38 14.88 -16.82
CA ASN A 387 12.35 14.07 -17.56
C ASN A 387 13.59 13.87 -16.72
N MET A 388 14.15 12.64 -16.76
CA MET A 388 15.36 12.31 -16.05
C MET A 388 16.57 13.16 -16.49
N ASN A 389 16.50 13.87 -17.60
CA ASN A 389 17.60 14.78 -17.92
C ASN A 389 17.55 16.05 -17.08
N ASP A 390 16.48 16.24 -16.30
CA ASP A 390 16.41 17.36 -15.36
C ASP A 390 15.66 16.91 -14.10
N LEU A 391 16.34 16.14 -13.26
CA LEU A 391 15.72 15.57 -12.06
C LEU A 391 15.38 16.66 -11.05
N GLU A 392 16.27 17.66 -10.89
CA GLU A 392 15.92 18.78 -10.01
C GLU A 392 14.69 19.51 -10.51
N GLY A 393 14.53 19.66 -11.82
CA GLY A 393 13.33 20.30 -12.33
C GLY A 393 12.10 19.44 -12.10
N LEU A 394 12.28 18.13 -12.21
CA LEU A 394 11.18 17.20 -11.95
C LEU A 394 10.64 17.36 -10.54
N LEU A 395 11.56 17.44 -9.57
CA LEU A 395 11.16 17.43 -8.16
C LEU A 395 10.64 18.78 -7.70
N SER A 396 10.87 19.85 -8.48
CA SER A 396 10.42 21.20 -8.18
C SER A 396 9.16 21.59 -8.93
N CYS A 397 8.72 20.79 -9.89
CA CYS A 397 7.56 21.17 -10.68
C CYS A 397 6.26 21.03 -9.89
N GLU A 398 5.24 21.77 -10.36
CA GLU A 398 4.00 21.89 -9.61
C GLU A 398 3.25 20.58 -9.59
N ASN A 399 3.27 19.84 -10.70
CA ASN A 399 2.56 18.57 -10.68
C ASN A 399 3.20 17.61 -9.70
N TYR A 400 4.54 17.60 -9.62
CA TYR A 400 5.17 16.71 -8.63
C TYR A 400 4.78 17.16 -7.23
N ILE A 401 4.80 18.49 -6.98
CA ILE A 401 4.46 18.96 -5.66
C ILE A 401 3.01 18.60 -5.32
N LYS A 402 2.11 18.70 -6.29
CA LYS A 402 0.70 18.42 -6.05
C LYS A 402 0.52 16.97 -5.67
N TYR A 403 1.16 16.06 -6.42
CA TYR A 403 1.03 14.63 -6.07
C TYR A 403 1.69 14.32 -4.72
N ALA A 404 2.87 14.88 -4.45
CA ALA A 404 3.55 14.59 -3.20
C ALA A 404 2.82 15.18 -1.99
N SER A 405 2.04 16.23 -2.22
CA SER A 405 1.42 16.93 -1.10
C SER A 405 0.22 16.22 -0.52
N ARG A 406 -0.35 15.19 -1.16
CA ARG A 406 -1.48 14.50 -0.56
C ARG A 406 -1.12 13.05 -0.22
N SER A 407 0.05 12.85 0.35
CA SER A 407 0.49 11.48 0.63
C SER A 407 -0.08 10.95 1.95
N PHE A 408 0.05 11.73 3.03
CA PHE A 408 -0.49 11.36 4.34
C PHE A 408 -1.98 11.64 4.50
N ILE A 409 -2.48 12.76 3.90
CA ILE A 409 -3.90 13.12 3.95
C ILE A 409 -4.37 13.24 2.52
N ASN A 410 -5.27 12.34 2.09
CA ASN A 410 -5.59 12.31 0.67
C ASN A 410 -6.34 13.55 0.27
N SER A 411 -7.11 14.11 1.20
CA SER A 411 -8.11 15.10 0.85
C SER A 411 -8.68 15.63 2.16
N ASN A 412 -9.19 16.88 2.15
CA ASN A 412 -9.92 17.21 3.37
C ASN A 412 -11.24 16.46 3.49
N ASN A 413 -11.66 15.69 2.46
CA ASN A 413 -12.75 14.74 2.60
C ASN A 413 -12.46 13.71 3.70
N CYS A 414 -11.18 13.51 4.01
CA CYS A 414 -10.75 12.35 4.85
C CYS A 414 -10.63 12.67 6.33
N ILE A 415 -10.78 13.94 6.74
CA ILE A 415 -10.30 14.29 8.06
C ILE A 415 -11.06 13.55 9.17
N ASN A 416 -12.34 13.34 9.01
CA ASN A 416 -13.09 12.67 10.06
C ASN A 416 -13.30 11.17 9.76
N CYS A 417 -12.58 10.64 8.77
CA CYS A 417 -12.76 9.23 8.39
C CYS A 417 -11.90 8.29 9.29
N GLU A 418 -12.49 7.14 9.63
CA GLU A 418 -11.73 6.19 10.45
C GLU A 418 -10.53 5.61 9.72
N LEU A 419 -10.43 5.79 8.38
CA LEU A 419 -9.26 5.24 7.70
C LEU A 419 -8.23 6.28 7.33
N ILE A 420 -8.32 7.50 7.88
CA ILE A 420 -7.52 8.61 7.35
C ILE A 420 -6.03 8.31 7.30
N GLY A 421 -5.50 7.61 8.33
CA GLY A 421 -4.06 7.38 8.32
C GLY A 421 -3.64 6.09 7.63
N HIS A 422 -4.57 5.42 6.98
CA HIS A 422 -4.31 4.04 6.53
C HIS A 422 -4.65 3.84 5.08
N CYS A 423 -5.52 4.67 4.51
CA CYS A 423 -6.16 4.47 3.21
C CYS A 423 -5.76 5.58 2.28
N SER A 424 -5.38 5.23 1.02
CA SER A 424 -5.00 6.25 0.03
C SER A 424 -6.12 6.57 -0.94
N GLY A 425 -7.28 6.01 -0.72
CA GLY A 425 -8.44 6.24 -1.57
C GLY A 425 -8.34 5.42 -2.85
N LEU A 426 -9.24 5.74 -3.78
CA LEU A 426 -9.23 5.07 -5.07
C LEU A 426 -8.04 5.57 -5.90
N CYS A 427 -7.45 4.64 -6.65
CA CYS A 427 -6.27 4.93 -7.45
C CYS A 427 -6.34 6.28 -8.14
N LEU A 428 -5.21 6.99 -8.10
CA LEU A 428 -5.04 8.31 -8.77
C LEU A 428 -5.56 8.28 -10.21
N GLY A 429 -5.20 7.26 -10.98
CA GLY A 429 -5.64 7.22 -12.36
C GLY A 429 -7.15 7.24 -12.51
N ALA A 430 -7.85 6.59 -11.60
CA ALA A 430 -9.30 6.51 -11.69
C ALA A 430 -9.95 7.84 -11.30
N ILE A 431 -9.44 8.50 -10.26
CA ILE A 431 -10.08 9.77 -9.91
C ILE A 431 -9.63 10.92 -10.83
N GLU A 432 -8.43 10.82 -11.43
CA GLU A 432 -8.05 11.71 -12.52
C GLU A 432 -9.04 11.65 -13.66
N LYS A 433 -9.42 10.43 -14.05
CA LYS A 433 -10.35 10.24 -15.15
C LYS A 433 -11.74 10.71 -14.79
N LYS A 434 -12.23 10.34 -13.62
CA LYS A 434 -13.60 10.61 -13.26
C LYS A 434 -13.79 12.06 -12.87
N TYR A 435 -12.88 12.62 -12.07
CA TYR A 435 -13.12 13.96 -11.48
C TYR A 435 -12.15 15.02 -11.95
N GLY A 436 -11.08 14.65 -12.62
CA GLY A 436 -10.03 15.56 -12.99
C GLY A 436 -9.29 16.13 -11.81
N ASN A 437 -9.28 15.42 -10.65
CA ASN A 437 -8.80 16.06 -9.42
C ASN A 437 -8.38 14.94 -8.50
N ILE A 438 -7.08 14.90 -8.18
CA ILE A 438 -6.63 13.79 -7.34
C ILE A 438 -6.97 14.04 -5.88
N MET A 439 -7.59 15.18 -5.55
CA MET A 439 -8.07 15.35 -4.19
C MET A 439 -9.53 15.02 -4.06
N TYR A 440 -10.17 14.57 -5.12
CA TYR A 440 -11.61 14.32 -5.09
C TYR A 440 -11.83 12.83 -4.83
N MET A 441 -12.20 12.50 -3.60
CA MET A 441 -12.37 11.10 -3.23
C MET A 441 -13.66 10.52 -3.82
N ASP A 442 -13.59 9.22 -4.17
CA ASP A 442 -14.75 8.57 -4.79
C ASP A 442 -15.59 7.97 -3.69
N LYS A 443 -16.80 8.49 -3.51
CA LYS A 443 -17.60 8.05 -2.37
C LYS A 443 -17.91 6.55 -2.40
N GLY A 444 -18.25 5.98 -3.59
CA GLY A 444 -18.55 4.55 -3.64
C GLY A 444 -17.38 3.70 -3.16
N ALA A 445 -16.18 4.01 -3.64
CA ALA A 445 -15.00 3.26 -3.21
C ALA A 445 -14.75 3.44 -1.73
N CYS A 446 -14.87 4.68 -1.24
CA CYS A 446 -14.70 4.88 0.21
C CYS A 446 -15.66 4.01 0.98
N ASP A 447 -16.94 3.96 0.56
CA ASP A 447 -17.89 3.13 1.30
C ASP A 447 -17.44 1.68 1.36
N LEU A 448 -16.94 1.15 0.25
CA LEU A 448 -16.44 -0.23 0.23
CA LEU A 448 -16.44 -0.24 0.22
C LEU A 448 -15.25 -0.40 1.16
N TYR A 449 -14.29 0.55 1.10
CA TYR A 449 -13.11 0.39 1.95
C TYR A 449 -13.50 0.30 3.41
N LYS A 450 -14.39 1.19 3.84
CA LYS A 450 -14.83 1.19 5.23
C LYS A 450 -15.52 -0.11 5.61
N LEU A 451 -16.37 -0.64 4.71
CA LEU A 451 -17.06 -1.91 5.02
C LEU A 451 -16.05 -3.04 5.14
N LEU A 452 -15.09 -3.05 4.23
CA LEU A 452 -14.11 -4.15 4.18
C LEU A 452 -13.25 -4.17 5.43
N ILE A 453 -12.70 -3.01 5.80
CA ILE A 453 -11.84 -2.94 6.98
C ILE A 453 -12.64 -3.32 8.23
N ARG A 454 -13.89 -2.86 8.33
CA ARG A 454 -14.72 -3.20 9.48
C ARG A 454 -14.94 -4.70 9.57
N ARG A 455 -15.19 -5.36 8.42
CA ARG A 455 -15.38 -6.84 8.43
C ARG A 455 -14.09 -7.54 8.77
N LEU A 456 -12.94 -7.02 8.29
CA LEU A 456 -11.68 -7.66 8.62
C LEU A 456 -11.45 -7.61 10.14
N ILE A 457 -11.71 -6.47 10.74
CA ILE A 457 -11.54 -6.33 12.19
C ILE A 457 -12.48 -7.26 12.91
N GLU A 458 -13.75 -7.34 12.46
CA GLU A 458 -14.73 -8.20 13.15
C GLU A 458 -14.28 -9.66 13.12
N ARG A 459 -13.64 -10.05 12.07
CA ARG A 459 -13.34 -11.46 11.85
C ARG A 459 -11.91 -11.84 12.21
N GLU A 460 -11.06 -10.89 12.64
CA GLU A 460 -9.67 -11.18 12.98
C GLU A 460 -9.60 -12.26 14.07
N LYS A 461 -8.81 -13.30 13.80
CA LYS A 461 -8.62 -14.40 14.78
C LYS A 461 -7.37 -14.27 15.61
N ASN A 462 -6.45 -13.37 15.26
CA ASN A 462 -5.18 -13.23 15.97
C ASN A 462 -5.04 -11.84 16.59
N ILE A 463 -6.13 -11.33 17.10
CA ILE A 463 -6.07 -10.03 17.78
C ILE A 463 -5.34 -10.15 19.12
N PHE A 464 -4.67 -9.08 19.48
CA PHE A 464 -4.08 -8.94 20.81
C PHE A 464 -5.14 -8.41 21.78
N ARG A 465 -5.37 -9.12 22.90
CA ARG A 465 -6.47 -8.79 23.81
C ARG A 465 -5.92 -8.41 25.16
N TYR A 466 -6.43 -7.31 25.72
CA TYR A 466 -6.10 -6.88 27.08
C TYR A 466 -7.21 -7.28 28.03
N ASP A 467 -6.85 -7.97 29.10
CA ASP A 467 -7.78 -8.34 30.15
C ASP A 467 -7.36 -7.63 31.43
N ILE A 468 -8.34 -7.16 32.19
CA ILE A 468 -7.99 -6.44 33.40
C ILE A 468 -7.50 -7.43 34.42
N ASP A 469 -6.57 -6.97 35.25
CA ASP A 469 -5.93 -7.76 36.29
C ASP A 469 -5.90 -6.97 37.61
#